data_9AS9
#
_entry.id   9AS9
#
_cell.length_a   1.00
_cell.length_b   1.00
_cell.length_c   1.00
_cell.angle_alpha   90.00
_cell.angle_beta   90.00
_cell.angle_gamma   90.00
#
_symmetry.space_group_name_H-M   'P 1'
#
loop_
_entity.id
_entity.type
_entity.pdbx_description
1 polymer '5-hydroxytryptamine receptor 2A'
2 non-polymer 2,5-dimethoxy-N,N-dimethyl-4-{2-[({2-[(prop-2-yn-1-yl)oxy]phenyl}methyl)amino]ethyl}aniline
#
_entity_poly.entity_id   1
_entity_poly.type   'polypeptide(L)'
_entity_poly.pdbx_seq_one_letter_code
;MDILCEENTSLSSTTNSLMQLNDDTRLYSNDFNSGEANTSDAFNWTVDSENRTNLSCEGCLSPSCLSLLHLQEKNWSALL
TAVVIILTIAGNILVIMAVSLEKKLQNATNYFLMSLAIADMLLGFLVMPVSMLTILYGYRWPLPSKLCAVWIYLDVLFST
ASIMHLCAISLDRYVAIQNPIHHSRFNSRTKAFLKIIAVWTISVGISMPIPVFGLQDDSKVFKEGSCLLADDNFVLIGSF
VSFFIPLTIMVITYFLTIKSLQKEATLCVSDLGTRAKLASFSFLPQSSLSSEKLFQRSIHREPGSYTGRRTMQSISNEQK
ACKVLGIVFFLFVVMWCPFFITNIMAVICKESCNEDVIGALLNVFVWIGYLSSAVNPLVYTLFNKTYRSAFSRYIQCQYK
ENKKPLQLILVNTIPALAYKSSQLQMGQKKNSKQDAKTTDNDCSMVALGKQHSEEASKDNSDGVNEKVSCV
;
_entity_poly.pdbx_strand_id   A
#
loop_
_chem_comp.id
_chem_comp.type
_chem_comp.name
_chem_comp.formula
A1AFX non-polymer 2,5-dimethoxy-N,N-dimethyl-4-{2-[({2-[(prop-2-yn-1-yl)oxy]phenyl}methyl)amino]ethyl}aniline 'C22 H28 N2 O3'
#
# COMPACT_ATOMS: atom_id res chain seq x y z
N VAL A 83 16.05 5.77 -8.60
CA VAL A 83 16.48 6.04 -7.23
C VAL A 83 15.35 5.71 -6.26
N VAL A 84 14.11 5.96 -6.67
CA VAL A 84 12.97 5.58 -5.84
C VAL A 84 12.89 4.06 -5.74
N ILE A 85 13.20 3.36 -6.83
CA ILE A 85 13.15 1.89 -6.81
C ILE A 85 14.21 1.34 -5.87
N ILE A 86 15.40 1.95 -5.85
CA ILE A 86 16.47 1.46 -5.00
C ILE A 86 16.07 1.60 -3.54
N LEU A 87 15.56 2.77 -3.15
CA LEU A 87 15.14 2.96 -1.77
C LEU A 87 13.99 2.05 -1.40
N THR A 88 13.01 1.91 -2.31
CA THR A 88 11.83 1.10 -2.02
C THR A 88 12.22 -0.36 -1.78
N ILE A 89 13.14 -0.88 -2.60
CA ILE A 89 13.59 -2.25 -2.40
C ILE A 89 14.43 -2.35 -1.13
N ALA A 90 15.36 -1.42 -0.94
CA ALA A 90 16.36 -1.54 0.11
C ALA A 90 15.73 -1.45 1.49
N GLY A 91 14.83 -0.49 1.69
CA GLY A 91 14.24 -0.32 3.01
C GLY A 91 13.46 -1.54 3.47
N ASN A 92 12.62 -2.08 2.58
CA ASN A 92 11.90 -3.30 2.92
C ASN A 92 12.84 -4.46 3.11
N ILE A 93 13.94 -4.51 2.33
CA ILE A 93 14.91 -5.58 2.50
C ILE A 93 15.56 -5.52 3.87
N LEU A 94 15.81 -4.30 4.37
CA LEU A 94 16.37 -4.19 5.72
C LEU A 94 15.34 -4.55 6.77
N VAL A 95 14.08 -4.15 6.56
CA VAL A 95 13.04 -4.44 7.55
C VAL A 95 12.83 -5.94 7.69
N ILE A 96 12.78 -6.67 6.57
CA ILE A 96 12.47 -8.09 6.63
C ILE A 96 13.60 -8.87 7.32
N MET A 97 14.86 -8.49 7.09
CA MET A 97 15.95 -9.19 7.76
C MET A 97 16.04 -8.81 9.23
N ALA A 98 15.72 -7.56 9.57
CA ALA A 98 15.89 -7.09 10.94
C ALA A 98 14.99 -7.83 11.91
N VAL A 99 13.81 -8.25 11.46
CA VAL A 99 12.95 -9.07 12.31
C VAL A 99 13.63 -10.41 12.57
N SER A 100 14.31 -10.96 11.57
CA SER A 100 14.96 -12.26 11.73
C SER A 100 16.30 -12.12 12.46
N LEU A 101 17.14 -11.18 12.05
CA LEU A 101 18.45 -11.04 12.66
C LEU A 101 18.35 -10.66 14.13
N GLU A 102 17.43 -9.78 14.47
CA GLU A 102 17.14 -9.39 15.84
C GLU A 102 15.86 -10.08 16.28
N LYS A 103 15.97 -11.00 17.23
CA LYS A 103 14.84 -11.76 17.72
C LYS A 103 14.05 -11.03 18.80
N LYS A 104 14.51 -9.86 19.24
CA LYS A 104 13.74 -9.08 20.20
C LYS A 104 12.39 -8.68 19.62
N LEU A 105 12.33 -8.43 18.31
CA LEU A 105 11.10 -8.02 17.64
C LEU A 105 10.42 -9.25 17.05
N GLN A 106 10.19 -10.23 17.92
CA GLN A 106 9.41 -11.41 17.60
C GLN A 106 7.95 -11.28 18.03
N ASN A 107 7.54 -10.09 18.46
CA ASN A 107 6.16 -9.87 18.86
C ASN A 107 5.22 -10.07 17.67
N ALA A 108 3.93 -10.20 17.98
CA ALA A 108 2.93 -10.45 16.94
C ALA A 108 2.85 -9.28 15.97
N THR A 109 2.98 -8.06 16.48
CA THR A 109 2.86 -6.87 15.63
C THR A 109 3.95 -6.83 14.57
N ASN A 110 5.19 -7.16 14.95
CA ASN A 110 6.27 -7.04 13.98
C ASN A 110 6.19 -8.09 12.88
N TYR A 111 5.38 -9.14 13.04
CA TYR A 111 5.15 -10.05 11.92
C TYR A 111 4.28 -9.38 10.86
N PHE A 112 3.22 -8.69 11.28
CA PHE A 112 2.49 -7.82 10.36
C PHE A 112 3.40 -6.79 9.72
N LEU A 113 4.28 -6.18 10.50
CA LEU A 113 5.13 -5.14 9.97
C LEU A 113 6.11 -5.71 8.93
N MET A 114 6.62 -6.91 9.19
CA MET A 114 7.53 -7.57 8.21
C MET A 114 6.73 -8.00 6.97
N SER A 115 5.44 -8.35 7.13
CA SER A 115 4.63 -8.71 5.95
C SER A 115 4.34 -7.50 5.08
N LEU A 116 4.06 -6.35 5.70
CA LEU A 116 3.92 -5.13 4.93
C LEU A 116 5.21 -4.80 4.20
N ALA A 117 6.35 -5.00 4.87
CA ALA A 117 7.64 -4.82 4.20
C ALA A 117 7.79 -5.80 3.03
N ILE A 118 7.27 -7.02 3.19
CA ILE A 118 7.34 -8.02 2.12
C ILE A 118 6.57 -7.52 0.91
N ALA A 119 5.34 -7.04 1.13
CA ALA A 119 4.53 -6.55 0.02
C ALA A 119 5.21 -5.38 -0.67
N ASP A 120 5.76 -4.45 0.11
CA ASP A 120 6.42 -3.29 -0.48
C ASP A 120 7.67 -3.69 -1.27
N MET A 121 8.48 -4.61 -0.73
CA MET A 121 9.70 -5.03 -1.42
C MET A 121 9.37 -5.80 -2.68
N LEU A 122 8.34 -6.65 -2.63
CA LEU A 122 7.91 -7.36 -3.82
C LEU A 122 7.44 -6.38 -4.89
N LEU A 123 6.68 -5.35 -4.49
CA LEU A 123 6.24 -4.34 -5.43
C LEU A 123 7.43 -3.60 -6.05
N GLY A 124 8.43 -3.28 -5.24
CA GLY A 124 9.60 -2.59 -5.76
C GLY A 124 10.40 -3.45 -6.72
N PHE A 125 10.53 -4.74 -6.40
CA PHE A 125 11.36 -5.63 -7.22
C PHE A 125 10.68 -5.94 -8.55
N LEU A 126 9.39 -6.31 -8.51
CA LEU A 126 8.76 -6.88 -9.70
C LEU A 126 8.22 -5.80 -10.63
N VAL A 127 7.67 -4.72 -10.10
CA VAL A 127 6.82 -3.81 -10.87
C VAL A 127 7.58 -2.56 -11.31
N MET A 128 8.22 -1.88 -10.37
CA MET A 128 8.65 -0.50 -10.61
C MET A 128 9.73 -0.35 -11.68
N PRO A 129 10.78 -1.19 -11.76
CA PRO A 129 11.72 -1.04 -12.89
C PRO A 129 11.08 -1.16 -14.25
N VAL A 130 10.01 -1.96 -14.37
CA VAL A 130 9.29 -2.04 -15.64
C VAL A 130 8.71 -0.68 -16.01
N SER A 131 8.11 0.02 -15.03
CA SER A 131 7.55 1.33 -15.31
C SER A 131 8.66 2.31 -15.69
N MET A 132 9.82 2.23 -15.03
CA MET A 132 10.94 3.08 -15.44
C MET A 132 11.36 2.77 -16.88
N LEU A 133 11.34 1.50 -17.25
CA LEU A 133 11.69 1.11 -18.61
C LEU A 133 10.70 1.66 -19.62
N THR A 134 9.41 1.61 -19.31
CA THR A 134 8.42 2.19 -20.21
C THR A 134 8.62 3.68 -20.33
N ILE A 135 9.01 4.34 -19.24
CA ILE A 135 9.28 5.77 -19.29
C ILE A 135 10.44 6.06 -20.24
N LEU A 136 11.50 5.26 -20.16
CA LEU A 136 12.61 5.45 -21.09
C LEU A 136 12.17 5.18 -22.53
N TYR A 137 11.40 4.12 -22.76
CA TYR A 137 11.05 3.68 -24.12
C TYR A 137 9.86 4.47 -24.71
N GLY A 138 9.26 5.42 -24.00
CA GLY A 138 8.22 6.32 -24.55
C GLY A 138 6.82 6.01 -24.14
N TYR A 139 6.58 5.16 -23.16
CA TYR A 139 5.24 4.76 -22.67
C TYR A 139 4.57 3.75 -23.60
N ARG A 140 5.27 3.10 -24.54
CA ARG A 140 4.74 1.98 -25.36
C ARG A 140 5.19 0.70 -24.63
N TRP A 141 4.48 -0.45 -24.63
CA TRP A 141 4.81 -1.69 -23.87
C TRP A 141 5.76 -2.55 -24.72
N PRO A 142 7.10 -2.46 -24.57
CA PRO A 142 8.02 -3.34 -25.31
C PRO A 142 7.82 -4.80 -24.90
N LEU A 143 7.53 -5.05 -23.62
CA LEU A 143 7.38 -6.42 -23.06
C LEU A 143 6.36 -7.25 -23.86
N PRO A 144 6.37 -8.60 -23.77
CA PRO A 144 5.39 -9.45 -24.45
C PRO A 144 3.96 -9.05 -24.10
N SER A 145 3.05 -9.30 -25.04
CA SER A 145 1.74 -8.68 -24.98
C SER A 145 0.95 -9.12 -23.75
N LYS A 146 0.85 -10.42 -23.50
CA LYS A 146 -0.02 -10.89 -22.42
C LYS A 146 0.59 -10.61 -21.06
N LEU A 147 1.90 -10.40 -20.99
CA LEU A 147 2.52 -10.11 -19.70
C LEU A 147 2.01 -8.80 -19.13
N CYS A 148 1.66 -7.85 -20.01
CA CYS A 148 0.95 -6.63 -19.62
C CYS A 148 -0.25 -6.92 -18.72
N ALA A 149 -0.95 -8.02 -18.99
CA ALA A 149 -2.11 -8.35 -18.17
C ALA A 149 -1.73 -8.65 -16.72
N VAL A 150 -0.62 -9.38 -16.51
CA VAL A 150 -0.29 -9.79 -15.14
C VAL A 150 0.39 -8.66 -14.39
N TRP A 151 1.18 -7.84 -15.11
CA TRP A 151 1.82 -6.69 -14.50
C TRP A 151 0.83 -5.84 -13.73
N ILE A 152 -0.25 -5.44 -14.41
CA ILE A 152 -1.30 -4.66 -13.77
C ILE A 152 -1.88 -5.43 -12.58
N TYR A 153 -2.07 -6.75 -12.75
CA TYR A 153 -2.57 -7.57 -11.65
C TYR A 153 -1.63 -7.51 -10.46
N LEU A 154 -0.32 -7.61 -10.70
CA LEU A 154 0.63 -7.44 -9.59
C LEU A 154 0.45 -6.07 -8.97
N ASP A 155 0.36 -5.04 -9.78
CA ASP A 155 0.25 -3.69 -9.21
C ASP A 155 -1.07 -3.59 -8.45
N VAL A 156 -2.11 -4.39 -8.70
CA VAL A 156 -3.29 -4.37 -7.84
C VAL A 156 -3.04 -5.17 -6.57
N LEU A 157 -2.44 -6.35 -6.69
CA LEU A 157 -2.37 -7.25 -5.53
C LEU A 157 -1.38 -6.73 -4.49
N PHE A 158 -0.19 -6.35 -4.92
CA PHE A 158 0.82 -5.89 -3.98
C PHE A 158 0.44 -4.54 -3.39
N SER A 159 -0.19 -3.69 -4.19
CA SER A 159 -0.61 -2.38 -3.69
C SER A 159 -1.86 -2.49 -2.81
N THR A 160 -2.81 -3.35 -3.19
CA THR A 160 -4.00 -3.53 -2.36
C THR A 160 -3.63 -4.18 -1.03
N ALA A 161 -2.64 -5.07 -1.05
CA ALA A 161 -2.22 -5.73 0.19
C ALA A 161 -1.66 -4.73 1.19
N SER A 162 -0.84 -3.79 0.72
CA SER A 162 -0.26 -2.79 1.61
C SER A 162 -1.35 -1.93 2.25
N ILE A 163 -2.34 -1.51 1.46
CA ILE A 163 -3.43 -0.71 2.01
C ILE A 163 -4.21 -1.51 3.04
N MET A 164 -4.45 -2.79 2.76
CA MET A 164 -5.18 -3.61 3.71
C MET A 164 -4.33 -3.89 4.95
N HIS A 165 -3.01 -4.04 4.79
CA HIS A 165 -2.14 -4.18 5.95
C HIS A 165 -2.24 -2.96 6.84
N LEU A 166 -2.19 -1.76 6.26
CA LEU A 166 -2.24 -0.56 7.08
C LEU A 166 -3.62 -0.34 7.69
N CYS A 167 -4.66 -0.76 6.95
CA CYS A 167 -6.03 -0.66 7.49
C CYS A 167 -6.16 -1.58 8.72
N ALA A 168 -5.67 -2.82 8.61
CA ALA A 168 -5.72 -3.75 9.74
C ALA A 168 -4.86 -3.25 10.89
N ILE A 169 -3.71 -2.65 10.59
CA ILE A 169 -2.88 -2.06 11.64
C ILE A 169 -3.65 -0.98 12.37
N SER A 170 -4.35 -0.12 11.62
CA SER A 170 -5.11 0.95 12.24
C SER A 170 -6.24 0.39 13.11
N LEU A 171 -6.96 -0.62 12.61
CA LEU A 171 -8.03 -1.23 13.41
C LEU A 171 -7.48 -1.83 14.70
N ASP A 172 -6.42 -2.62 14.59
CA ASP A 172 -5.88 -3.30 15.77
C ASP A 172 -5.29 -2.31 16.76
N ARG A 173 -4.60 -1.28 16.26
CA ARG A 173 -3.99 -0.31 17.17
C ARG A 173 -5.08 0.52 17.85
N TYR A 174 -6.17 0.83 17.14
CA TYR A 174 -7.28 1.52 17.80
C TYR A 174 -7.88 0.64 18.89
N VAL A 175 -8.05 -0.64 18.62
CA VAL A 175 -8.60 -1.54 19.64
C VAL A 175 -7.66 -1.61 20.83
N ALA A 176 -6.34 -1.59 20.58
CA ALA A 176 -5.37 -1.61 21.66
C ALA A 176 -5.46 -0.35 22.51
N ILE A 177 -5.57 0.82 21.88
CA ILE A 177 -5.65 2.07 22.63
C ILE A 177 -6.95 2.15 23.41
N GLN A 178 -8.08 1.86 22.77
CA GLN A 178 -9.37 2.10 23.42
C GLN A 178 -9.57 1.15 24.60
N ASN A 179 -9.21 -0.12 24.45
CA ASN A 179 -9.47 -1.15 25.44
C ASN A 179 -8.20 -1.98 25.65
N PRO A 180 -7.18 -1.41 26.30
CA PRO A 180 -5.89 -2.12 26.39
C PRO A 180 -5.96 -3.47 27.10
N ILE A 181 -6.70 -3.55 28.20
CA ILE A 181 -6.72 -4.82 29.01
C ILE A 181 -7.40 -5.93 28.19
N HIS A 182 -8.61 -5.69 27.69
CA HIS A 182 -9.34 -6.74 27.00
C HIS A 182 -8.61 -7.17 25.74
N HIS A 183 -7.88 -6.24 25.10
CA HIS A 183 -7.08 -6.61 23.94
C HIS A 183 -5.98 -7.60 24.33
N SER A 184 -5.44 -7.47 25.54
CA SER A 184 -4.41 -8.41 26.00
C SER A 184 -4.99 -9.81 26.18
N ARG A 185 -6.28 -9.91 26.56
CA ARG A 185 -6.90 -11.22 26.71
C ARG A 185 -6.93 -11.97 25.39
N PHE A 186 -7.23 -11.27 24.30
CA PHE A 186 -7.26 -11.84 22.96
C PHE A 186 -6.02 -11.50 22.14
N ASN A 187 -4.95 -11.04 22.77
CA ASN A 187 -3.75 -10.62 22.05
C ASN A 187 -2.87 -11.78 21.62
N SER A 188 -3.31 -13.03 21.80
CA SER A 188 -2.49 -14.16 21.41
C SER A 188 -2.23 -14.16 19.90
N ARG A 189 -1.10 -14.73 19.51
CA ARG A 189 -0.68 -14.68 18.11
C ARG A 189 -1.59 -15.52 17.22
N THR A 190 -2.37 -16.41 17.80
CA THR A 190 -3.22 -17.29 16.99
C THR A 190 -4.22 -16.48 16.18
N LYS A 191 -4.80 -15.44 16.78
CA LYS A 191 -5.70 -14.56 16.03
C LYS A 191 -4.91 -13.63 15.11
N ALA A 192 -3.69 -13.28 15.50
CA ALA A 192 -2.87 -12.40 14.67
C ALA A 192 -2.55 -13.06 13.33
N PHE A 193 -2.36 -14.38 13.32
CA PHE A 193 -2.12 -15.07 12.06
C PHE A 193 -3.39 -15.12 11.22
N LEU A 194 -4.56 -15.22 11.86
CA LEU A 194 -5.81 -15.17 11.12
C LEU A 194 -6.01 -13.80 10.49
N LYS A 195 -5.55 -12.74 11.13
CA LYS A 195 -5.65 -11.43 10.51
C LYS A 195 -4.76 -11.34 9.27
N ILE A 196 -3.58 -11.99 9.29
CA ILE A 196 -2.73 -12.05 8.11
C ILE A 196 -3.41 -12.81 6.98
N ILE A 197 -4.00 -13.97 7.30
CA ILE A 197 -4.64 -14.74 6.24
C ILE A 197 -5.84 -13.98 5.69
N ALA A 198 -6.54 -13.25 6.56
CA ALA A 198 -7.65 -12.41 6.10
C ALA A 198 -7.17 -11.35 5.12
N VAL A 199 -6.07 -10.66 5.44
CA VAL A 199 -5.61 -9.58 4.56
C VAL A 199 -5.16 -10.15 3.23
N TRP A 200 -4.32 -11.19 3.25
CA TRP A 200 -3.80 -11.72 1.99
C TRP A 200 -4.86 -12.50 1.23
N THR A 201 -5.96 -12.89 1.88
CA THR A 201 -7.09 -13.47 1.17
C THR A 201 -7.94 -12.39 0.50
N ILE A 202 -8.18 -11.28 1.20
CA ILE A 202 -9.00 -10.22 0.63
C ILE A 202 -8.28 -9.55 -0.54
N SER A 203 -6.95 -9.48 -0.47
CA SER A 203 -6.19 -8.93 -1.59
C SER A 203 -6.40 -9.75 -2.86
N VAL A 204 -6.43 -11.07 -2.73
CA VAL A 204 -6.70 -11.93 -3.89
C VAL A 204 -8.16 -11.81 -4.30
N GLY A 205 -9.07 -11.75 -3.33
CA GLY A 205 -10.49 -11.68 -3.64
C GLY A 205 -10.84 -10.43 -4.42
N ILE A 206 -10.19 -9.31 -4.10
CA ILE A 206 -10.45 -8.07 -4.83
C ILE A 206 -9.90 -8.15 -6.24
N SER A 207 -8.72 -8.73 -6.40
CA SER A 207 -7.96 -8.69 -7.64
C SER A 207 -8.18 -9.91 -8.53
N MET A 208 -9.28 -10.62 -8.35
CA MET A 208 -9.52 -11.83 -9.14
C MET A 208 -9.64 -11.58 -10.65
N PRO A 209 -10.42 -10.61 -11.14
CA PRO A 209 -10.69 -10.56 -12.59
C PRO A 209 -9.50 -10.25 -13.48
N ILE A 210 -8.52 -9.46 -13.00
CA ILE A 210 -7.54 -8.85 -13.93
C ILE A 210 -6.73 -9.87 -14.71
N PRO A 211 -6.16 -10.91 -14.09
CA PRO A 211 -5.35 -11.85 -14.91
C PRO A 211 -6.15 -12.61 -15.95
N VAL A 212 -7.25 -13.25 -15.54
CA VAL A 212 -7.99 -14.10 -16.48
C VAL A 212 -8.62 -13.28 -17.59
N PHE A 213 -9.23 -12.14 -17.25
CA PHE A 213 -9.91 -11.34 -18.27
C PHE A 213 -8.90 -10.63 -19.17
N GLY A 214 -7.87 -10.02 -18.57
CA GLY A 214 -6.90 -9.30 -19.36
C GLY A 214 -6.10 -10.19 -20.29
N LEU A 215 -5.76 -11.39 -19.81
CA LEU A 215 -5.04 -12.34 -20.66
C LEU A 215 -5.92 -12.85 -21.79
N GLN A 216 -7.24 -12.98 -21.54
CA GLN A 216 -8.14 -13.39 -22.60
C GLN A 216 -8.26 -12.32 -23.68
N ASP A 217 -8.52 -11.07 -23.28
CA ASP A 217 -8.71 -9.95 -24.18
C ASP A 217 -7.59 -8.94 -23.96
N ASP A 218 -6.75 -8.75 -24.99
CA ASP A 218 -5.67 -7.79 -24.87
C ASP A 218 -6.21 -6.37 -24.75
N SER A 219 -7.24 -6.04 -25.52
CA SER A 219 -7.74 -4.66 -25.55
C SER A 219 -8.28 -4.21 -24.20
N LYS A 220 -8.70 -5.16 -23.36
CA LYS A 220 -9.21 -4.79 -22.04
C LYS A 220 -8.12 -4.16 -21.18
N VAL A 221 -6.89 -4.69 -21.24
CA VAL A 221 -5.80 -4.24 -20.39
C VAL A 221 -4.61 -3.69 -21.17
N PHE A 222 -4.55 -3.90 -22.49
CA PHE A 222 -3.48 -3.36 -23.34
C PHE A 222 -3.95 -2.13 -24.10
N LYS A 223 -5.11 -1.57 -23.74
CA LYS A 223 -5.80 -0.62 -24.59
C LYS A 223 -4.97 0.63 -24.87
N GLU A 224 -5.10 1.15 -26.09
CA GLU A 224 -4.45 2.36 -26.61
C GLU A 224 -2.99 2.14 -26.92
N GLY A 225 -2.49 0.90 -26.92
CA GLY A 225 -1.09 0.65 -27.14
C GLY A 225 -0.19 0.84 -25.94
N SER A 226 -0.74 1.16 -24.77
CA SER A 226 0.00 1.35 -23.53
C SER A 226 -0.70 0.60 -22.42
N CYS A 227 0.08 0.01 -21.52
CA CYS A 227 -0.45 -0.93 -20.55
C CYS A 227 -1.33 -0.20 -19.54
N LEU A 228 -2.65 -0.44 -19.63
CA LEU A 228 -3.62 0.32 -18.85
C LEU A 228 -4.89 -0.50 -18.70
N LEU A 229 -5.50 -0.42 -17.52
CA LEU A 229 -6.69 -1.20 -17.18
C LEU A 229 -7.92 -0.35 -17.49
N ALA A 230 -8.78 -0.83 -18.39
CA ALA A 230 -9.68 0.04 -19.15
C ALA A 230 -11.14 -0.37 -19.10
N ASP A 231 -11.57 -1.14 -18.09
CA ASP A 231 -12.99 -1.47 -17.92
C ASP A 231 -13.59 -0.54 -16.86
N ASP A 232 -14.41 0.40 -17.32
CA ASP A 232 -14.89 1.47 -16.43
C ASP A 232 -15.74 0.90 -15.30
N ASN A 233 -16.68 0.02 -15.64
CA ASN A 233 -17.62 -0.52 -14.65
C ASN A 233 -16.89 -1.23 -13.53
N PHE A 234 -15.93 -2.10 -13.89
CA PHE A 234 -15.16 -2.81 -12.88
C PHE A 234 -14.20 -1.87 -12.17
N VAL A 235 -13.56 -0.96 -12.91
CA VAL A 235 -12.49 -0.15 -12.34
C VAL A 235 -13.02 0.81 -11.28
N LEU A 236 -14.13 1.48 -11.56
CA LEU A 236 -14.53 2.56 -10.66
C LEU A 236 -14.97 1.99 -9.31
N ILE A 237 -15.60 0.81 -9.30
CA ILE A 237 -15.92 0.14 -8.04
C ILE A 237 -14.67 -0.49 -7.42
N GLY A 238 -13.79 -1.07 -8.24
CA GLY A 238 -12.62 -1.74 -7.69
C GLY A 238 -11.67 -0.80 -6.99
N SER A 239 -11.42 0.37 -7.58
CA SER A 239 -10.63 1.38 -6.91
C SER A 239 -11.29 1.82 -5.62
N PHE A 240 -12.62 1.84 -5.60
CA PHE A 240 -13.34 2.25 -4.40
C PHE A 240 -13.18 1.24 -3.28
N VAL A 241 -13.52 -0.03 -3.54
CA VAL A 241 -13.50 -1.04 -2.49
C VAL A 241 -12.08 -1.28 -2.01
N SER A 242 -11.11 -1.22 -2.92
CA SER A 242 -9.73 -1.56 -2.57
C SER A 242 -9.10 -0.50 -1.68
N PHE A 243 -9.42 0.78 -1.92
CA PHE A 243 -8.74 1.89 -1.23
C PHE A 243 -9.70 2.70 -0.37
N PHE A 244 -10.83 3.14 -0.92
CA PHE A 244 -11.71 4.03 -0.17
C PHE A 244 -12.32 3.35 1.04
N ILE A 245 -12.73 2.09 0.90
CA ILE A 245 -13.28 1.35 2.05
C ILE A 245 -12.24 1.22 3.15
N PRO A 246 -11.00 0.83 2.89
CA PRO A 246 -9.97 0.99 3.93
C PRO A 246 -9.77 2.44 4.34
N LEU A 247 -9.87 3.39 3.41
CA LEU A 247 -9.59 4.77 3.77
C LEU A 247 -10.60 5.30 4.78
N THR A 248 -11.89 4.98 4.60
CA THR A 248 -12.86 5.38 5.60
C THR A 248 -12.65 4.61 6.90
N ILE A 249 -12.25 3.34 6.82
CA ILE A 249 -11.92 2.60 8.03
C ILE A 249 -10.71 3.21 8.72
N MET A 250 -9.68 3.59 7.94
CA MET A 250 -8.57 4.31 8.54
C MET A 250 -9.01 5.67 9.05
N VAL A 251 -9.79 6.42 8.27
CA VAL A 251 -10.15 7.78 8.63
C VAL A 251 -11.12 7.83 9.80
N ILE A 252 -11.86 6.75 10.06
CA ILE A 252 -12.75 6.65 11.21
C ILE A 252 -12.08 6.00 12.41
N THR A 253 -10.98 5.26 12.19
CA THR A 253 -10.25 4.66 13.34
C THR A 253 -9.13 5.59 13.79
N TYR A 254 -8.29 6.05 12.86
CA TYR A 254 -7.13 6.91 13.25
C TYR A 254 -7.63 8.11 14.06
N PHE A 255 -8.68 8.77 13.59
CA PHE A 255 -9.21 9.98 14.27
C PHE A 255 -9.68 9.57 15.65
N LEU A 256 -10.31 8.40 15.75
CA LEU A 256 -10.82 7.92 17.03
C LEU A 256 -9.67 7.49 17.94
N THR A 257 -8.57 7.00 17.36
CA THR A 257 -7.39 6.69 18.15
C THR A 257 -6.82 7.94 18.81
N ILE A 258 -6.73 9.04 18.06
CA ILE A 258 -6.31 10.30 18.67
C ILE A 258 -7.32 10.73 19.71
N LYS A 259 -8.61 10.53 19.45
CA LYS A 259 -9.62 10.94 20.41
C LYS A 259 -9.47 10.17 21.73
N SER A 260 -9.10 8.89 21.65
CA SER A 260 -8.89 8.11 22.86
C SER A 260 -7.70 8.65 23.66
N LEU A 261 -6.61 9.01 22.98
CA LEU A 261 -5.48 9.62 23.67
C LEU A 261 -5.89 10.94 24.31
N GLN A 262 -6.68 11.76 23.61
CA GLN A 262 -7.19 12.98 24.22
C GLN A 262 -8.14 12.66 25.37
N LYS A 263 -9.08 11.75 25.15
CA LYS A 263 -10.01 11.31 26.19
C LYS A 263 -10.88 12.46 26.66
N ILE A 315 0.07 12.31 30.25
CA ILE A 315 -0.27 13.44 29.39
C ILE A 315 0.76 13.57 28.28
N SER A 316 2.02 13.81 28.65
CA SER A 316 3.07 13.97 27.64
C SER A 316 3.29 12.68 26.88
N ASN A 317 3.17 11.54 27.55
CA ASN A 317 3.29 10.27 26.84
C ASN A 317 2.17 10.08 25.82
N GLU A 318 0.94 10.45 26.19
CA GLU A 318 -0.18 10.26 25.28
C GLU A 318 -0.14 11.24 24.12
N GLN A 319 0.11 12.52 24.40
CA GLN A 319 0.00 13.55 23.35
C GLN A 319 1.10 13.39 22.32
N LYS A 320 2.26 12.86 22.72
CA LYS A 320 3.34 12.63 21.76
C LYS A 320 2.91 11.63 20.69
N ALA A 321 2.10 10.66 21.06
CA ALA A 321 1.61 9.68 20.09
C ALA A 321 0.63 10.32 19.10
N CYS A 322 -0.12 11.34 19.55
CA CYS A 322 -1.10 11.98 18.68
C CYS A 322 -0.44 12.62 17.47
N LYS A 323 0.68 13.33 17.68
CA LYS A 323 1.35 14.00 16.57
C LYS A 323 2.03 12.98 15.65
N VAL A 324 2.67 11.96 16.23
CA VAL A 324 3.35 10.95 15.42
C VAL A 324 2.33 10.14 14.63
N LEU A 325 1.16 9.89 15.22
CA LEU A 325 0.09 9.25 14.45
C LEU A 325 -0.42 10.18 13.36
N GLY A 326 -0.51 11.47 13.67
CA GLY A 326 -1.02 12.42 12.71
C GLY A 326 -0.16 12.54 11.47
N ILE A 327 1.16 12.61 11.65
CA ILE A 327 2.03 12.75 10.49
C ILE A 327 1.96 11.50 9.61
N VAL A 328 1.90 10.33 10.23
CA VAL A 328 1.83 9.08 9.47
C VAL A 328 0.53 9.01 8.69
N PHE A 329 -0.58 9.43 9.31
CA PHE A 329 -1.84 9.47 8.58
C PHE A 329 -1.80 10.48 7.44
N PHE A 330 -1.22 11.65 7.70
CA PHE A 330 -1.22 12.72 6.70
C PHE A 330 -0.39 12.35 5.48
N LEU A 331 0.78 11.74 5.68
CA LEU A 331 1.62 11.38 4.54
C LEU A 331 0.93 10.36 3.64
N PHE A 332 0.45 9.26 4.21
CA PHE A 332 -0.07 8.19 3.37
C PHE A 332 -1.36 8.60 2.67
N VAL A 333 -2.20 9.41 3.33
CA VAL A 333 -3.37 9.95 2.66
C VAL A 333 -2.95 10.86 1.51
N VAL A 334 -2.01 11.76 1.77
CA VAL A 334 -1.61 12.74 0.74
C VAL A 334 -0.89 12.04 -0.41
N MET A 335 -0.21 10.92 -0.14
CA MET A 335 0.57 10.26 -1.18
C MET A 335 -0.24 9.21 -1.92
N TRP A 336 -1.19 8.55 -1.24
CA TRP A 336 -2.03 7.56 -1.92
C TRP A 336 -3.17 8.22 -2.69
N CYS A 337 -3.95 9.06 -2.01
CA CYS A 337 -5.22 9.59 -2.52
C CYS A 337 -5.15 10.29 -3.88
N PRO A 338 -4.13 11.11 -4.18
CA PRO A 338 -4.14 11.82 -5.47
C PRO A 338 -4.24 10.93 -6.69
N PHE A 339 -3.62 9.74 -6.67
CA PHE A 339 -3.72 8.84 -7.81
C PHE A 339 -5.17 8.39 -8.01
N PHE A 340 -5.85 8.03 -6.92
CA PHE A 340 -7.17 7.43 -7.04
C PHE A 340 -8.23 8.45 -7.45
N ILE A 341 -8.15 9.68 -6.93
CA ILE A 341 -9.11 10.70 -7.32
C ILE A 341 -8.90 11.08 -8.78
N THR A 342 -7.65 11.10 -9.24
CA THR A 342 -7.40 11.40 -10.65
C THR A 342 -7.92 10.28 -11.54
N ASN A 343 -7.78 9.03 -11.09
CA ASN A 343 -8.27 7.90 -11.88
C ASN A 343 -9.79 7.97 -11.97
N ILE A 344 -10.46 8.16 -10.83
CA ILE A 344 -11.93 8.22 -10.85
C ILE A 344 -12.40 9.45 -11.61
N MET A 345 -11.69 10.57 -11.47
CA MET A 345 -12.03 11.76 -12.25
C MET A 345 -11.84 11.50 -13.73
N ALA A 346 -10.84 10.71 -14.10
CA ALA A 346 -10.59 10.42 -15.51
C ALA A 346 -11.71 9.60 -16.11
N VAL A 347 -12.14 8.55 -15.41
CA VAL A 347 -13.15 7.65 -15.97
C VAL A 347 -14.49 8.36 -16.07
N ILE A 348 -14.87 9.11 -15.04
CA ILE A 348 -16.18 9.76 -15.03
C ILE A 348 -16.21 10.90 -16.04
N CYS A 349 -15.16 11.72 -16.08
CA CYS A 349 -15.17 12.99 -16.80
C CYS A 349 -14.51 12.90 -18.17
N LYS A 350 -14.35 11.70 -18.73
CA LYS A 350 -13.62 11.53 -19.98
C LYS A 350 -14.23 12.36 -21.10
N GLU A 351 -15.55 12.51 -21.10
CA GLU A 351 -16.20 13.38 -22.09
C GLU A 351 -15.85 14.84 -21.87
N SER A 352 -15.77 15.26 -20.61
CA SER A 352 -15.69 16.68 -20.26
C SER A 352 -14.32 17.11 -19.73
N CYS A 353 -13.26 16.32 -19.97
CA CYS A 353 -11.92 16.65 -19.48
C CYS A 353 -10.90 16.50 -20.61
N ASN A 354 -9.74 17.11 -20.40
CA ASN A 354 -8.62 17.02 -21.32
C ASN A 354 -7.78 15.80 -20.96
N GLU A 355 -7.52 14.94 -21.95
CA GLU A 355 -6.88 13.66 -21.69
C GLU A 355 -5.41 13.82 -21.33
N ASP A 356 -4.71 14.72 -22.03
CA ASP A 356 -3.25 14.79 -21.91
C ASP A 356 -2.81 15.21 -20.51
N VAL A 357 -3.48 16.22 -19.93
CA VAL A 357 -3.12 16.66 -18.60
C VAL A 357 -3.38 15.56 -17.59
N ILE A 358 -4.51 14.87 -17.73
CA ILE A 358 -4.83 13.75 -16.83
C ILE A 358 -3.77 12.67 -16.95
N GLY A 359 -3.31 12.40 -18.17
CA GLY A 359 -2.28 11.38 -18.35
C GLY A 359 -0.97 11.75 -17.67
N ALA A 360 -0.55 13.01 -17.82
CA ALA A 360 0.68 13.44 -17.15
C ALA A 360 0.54 13.36 -15.63
N LEU A 361 -0.61 13.81 -15.11
CA LEU A 361 -0.85 13.76 -13.68
C LEU A 361 -0.79 12.32 -13.17
N LEU A 362 -1.42 11.39 -13.89
CA LEU A 362 -1.35 9.99 -13.48
C LEU A 362 0.07 9.47 -13.53
N ASN A 363 0.83 9.87 -14.55
CA ASN A 363 2.21 9.41 -14.70
C ASN A 363 3.06 9.80 -13.50
N VAL A 364 2.85 11.02 -12.97
CA VAL A 364 3.64 11.43 -11.82
C VAL A 364 3.05 10.87 -10.51
N PHE A 365 1.73 10.74 -10.44
CA PHE A 365 1.10 10.33 -9.19
C PHE A 365 1.36 8.87 -8.91
N VAL A 366 1.55 8.06 -9.96
CA VAL A 366 1.94 6.67 -9.73
C VAL A 366 3.32 6.61 -9.07
N TRP A 367 4.23 7.51 -9.48
CA TRP A 367 5.53 7.57 -8.83
C TRP A 367 5.39 7.93 -7.36
N ILE A 368 4.53 8.90 -7.05
CA ILE A 368 4.37 9.31 -5.66
C ILE A 368 3.79 8.16 -4.83
N GLY A 369 2.79 7.46 -5.38
CA GLY A 369 2.26 6.30 -4.69
C GLY A 369 3.30 5.23 -4.45
N TYR A 370 4.21 5.05 -5.42
CA TYR A 370 5.33 4.13 -5.23
C TYR A 370 6.26 4.61 -4.12
N LEU A 371 6.50 5.92 -4.04
CA LEU A 371 7.29 6.47 -2.94
C LEU A 371 6.66 6.15 -1.59
N SER A 372 5.32 6.02 -1.57
CA SER A 372 4.64 5.60 -0.35
C SER A 372 5.20 4.29 0.19
N SER A 373 5.61 3.39 -0.70
CA SER A 373 6.22 2.13 -0.25
C SER A 373 7.54 2.38 0.47
N ALA A 374 8.39 3.25 -0.09
CA ALA A 374 9.68 3.53 0.54
C ALA A 374 9.52 4.29 1.86
N VAL A 375 8.40 5.00 2.01
CA VAL A 375 8.23 5.88 3.17
C VAL A 375 8.28 5.09 4.49
N ASN A 376 7.58 3.95 4.54
CA ASN A 376 7.34 3.31 5.83
C ASN A 376 8.60 2.80 6.54
N PRO A 377 9.57 2.16 5.87
CA PRO A 377 10.78 1.75 6.59
C PRO A 377 11.54 2.88 7.26
N LEU A 378 11.55 4.08 6.67
CA LEU A 378 12.22 5.20 7.32
C LEU A 378 11.46 5.66 8.56
N VAL A 379 10.12 5.59 8.50
CA VAL A 379 9.31 5.86 9.69
C VAL A 379 9.65 4.87 10.78
N TYR A 380 9.84 3.61 10.40
CA TYR A 380 10.26 2.58 11.36
C TYR A 380 11.62 2.90 11.96
N THR A 381 12.55 3.36 11.12
CA THR A 381 13.88 3.71 11.60
C THR A 381 13.81 4.82 12.63
N LEU A 382 12.97 5.83 12.38
CA LEU A 382 13.01 7.03 13.18
C LEU A 382 12.50 6.79 14.60
N PHE A 383 11.33 6.18 14.75
CA PHE A 383 10.72 6.14 16.10
C PHE A 383 11.18 4.95 16.96
N ASN A 384 11.73 3.89 16.37
CA ASN A 384 12.06 2.68 17.13
C ASN A 384 13.57 2.58 17.28
N LYS A 385 14.02 2.19 18.47
CA LYS A 385 15.44 2.12 18.75
C LYS A 385 16.10 0.95 18.02
N THR A 386 15.48 -0.23 18.06
CA THR A 386 16.18 -1.43 17.62
C THR A 386 16.29 -1.50 16.10
N TYR A 387 15.25 -1.07 15.37
CA TYR A 387 15.36 -1.00 13.93
C TYR A 387 16.46 -0.04 13.50
N ARG A 388 16.60 1.08 14.22
CA ARG A 388 17.66 2.03 13.91
C ARG A 388 19.03 1.39 14.08
N SER A 389 19.23 0.64 15.18
CA SER A 389 20.50 -0.03 15.39
C SER A 389 20.76 -1.10 14.33
N ALA A 390 19.73 -1.87 13.99
CA ALA A 390 19.89 -2.91 12.98
C ALA A 390 20.27 -2.33 11.63
N PHE A 391 19.63 -1.22 11.23
CA PHE A 391 19.97 -0.62 9.95
C PHE A 391 21.33 0.06 9.99
N SER A 392 21.70 0.61 11.14
CA SER A 392 23.03 1.20 11.26
C SER A 392 24.11 0.14 11.11
N ARG A 393 23.90 -1.05 11.69
CA ARG A 393 24.85 -2.14 11.50
C ARG A 393 24.83 -2.63 10.06
N TYR A 394 23.64 -2.82 9.49
CA TYR A 394 23.50 -3.32 8.12
C TYR A 394 22.36 -2.59 7.41
C12 A1AFX B . 0.52 3.37 -5.28
C13 A1AFX B . -0.06 3.91 -4.16
C14 A1AFX B . -1.27 4.56 -4.25
C15 A1AFX B . -1.88 4.69 -5.47
C16 A1AFX B . -1.28 4.16 -6.59
C25 A1AFX B . -7.92 0.79 -10.33
C01 A1AFX B . -3.75 0.29 -9.72
C02 A1AFX B . -5.09 0.23 -10.01
C03 A1AFX B . -5.98 0.01 -8.98
C04 A1AFX B . -5.50 -0.13 -7.68
C05 A1AFX B . -4.15 -0.05 -7.40
C06 A1AFX B . -3.28 0.17 -8.44
C07 A1AFX B . -1.80 0.21 -8.13
C08 A1AFX B . -1.07 1.44 -8.62
C10 A1AFX B . 0.54 2.94 -7.73
C11 A1AFX B . -0.09 3.52 -6.49
C18 A1AFX B . 1.62 1.33 -4.99
C19 A1AFX B . 1.21 1.01 -3.57
C20 A1AFX B . 0.87 0.73 -2.47
C22 A1AFX B . -5.97 -1.21 -5.65
C24 A1AFX B . -8.30 -0.94 -8.58
C27 A1AFX B . -2.76 -0.61 -11.61
N09 A1AFX B . 0.13 1.55 -7.82
N23 A1AFX B . -7.39 -0.05 -9.29
O17 A1AFX B . 1.74 2.71 -5.16
O21 A1AFX B . -6.39 -0.32 -6.64
O26 A1AFX B . -2.86 0.49 -10.77
#